data_7DHE
#
_entry.id   7DHE
#
_cell.length_a   44.110
_cell.length_b   51.010
_cell.length_c   68.590
_cell.angle_alpha   101.850
_cell.angle_beta   95.560
_cell.angle_gamma   103.790
#
_symmetry.space_group_name_H-M   'P 1'
#
loop_
_entity.id
_entity.type
_entity.pdbx_description
1 polymer Protein-tyrosine-phosphatase
2 non-polymer 'benzylphosphonic acid'
#
_entity_poly.entity_id   1
_entity_poly.type   'polypeptide(L)'
_entity_poly.pdbx_seq_one_letter_code
;GAMGFNKILVVCVGNICRSPTGERVLQKLLPNKTVASAGIAAEKSRLIGKPADAMAIEVAKENCVDVENHQSQQLTSALC
SQYDLILVMEKGHMEALTQIAPEARGKTMLFGQWIGQKDIPDPYRQSKEAFVHAYQLIDEAAQAWAKKL
;
_entity_poly.pdbx_strand_id   A,B,C,D
#
# COMPACT_ATOMS: atom_id res chain seq x y z
N GLY A 4 3.62 -11.59 -7.79
CA GLY A 4 2.17 -11.72 -7.72
C GLY A 4 1.72 -12.89 -6.87
N PHE A 5 1.06 -12.61 -5.71
CA PHE A 5 0.59 -13.67 -4.81
C PHE A 5 -0.88 -13.77 -5.03
N ASN A 6 -1.31 -14.85 -5.67
CA ASN A 6 -2.73 -15.07 -5.98
C ASN A 6 -3.33 -16.17 -5.19
N LYS A 7 -2.53 -17.23 -4.89
CA LYS A 7 -3.00 -18.38 -4.12
C LYS A 7 -2.34 -18.36 -2.74
N ILE A 8 -3.16 -18.22 -1.71
CA ILE A 8 -2.70 -18.10 -0.32
C ILE A 8 -3.18 -19.29 0.51
N LEU A 9 -2.24 -19.89 1.26
CA LEU A 9 -2.53 -21.03 2.13
C LEU A 9 -2.33 -20.65 3.57
N VAL A 10 -3.43 -20.69 4.34
CA VAL A 10 -3.40 -20.35 5.77
C VAL A 10 -3.21 -21.66 6.53
N VAL A 11 -2.20 -21.71 7.42
CA VAL A 11 -1.81 -22.96 8.08
C VAL A 11 -1.84 -22.82 9.58
N CYS A 12 -2.43 -23.84 10.25
CA CYS A 12 -2.40 -24.06 11.69
C CYS A 12 -2.22 -25.55 11.95
N VAL A 13 -2.64 -26.08 13.10
CA VAL A 13 -2.32 -27.49 13.34
C VAL A 13 -3.52 -28.43 13.06
N GLY A 14 -4.74 -28.07 13.45
CA GLY A 14 -5.84 -28.96 13.18
C GLY A 14 -6.66 -28.61 11.97
N ASN A 15 -6.56 -27.36 11.50
CA ASN A 15 -7.37 -26.84 10.38
C ASN A 15 -8.87 -26.88 10.69
N ILE A 16 -9.23 -26.57 11.94
CA ILE A 16 -10.64 -26.52 12.35
C ILE A 16 -10.98 -25.20 13.03
N CYS A 17 -9.99 -24.48 13.57
CA CYS A 17 -10.23 -23.23 14.28
C CYS A 17 -9.61 -22.00 13.60
N ARG A 18 -8.34 -21.78 13.86
CA ARG A 18 -7.69 -20.57 13.39
C ARG A 18 -7.55 -20.49 11.87
N SER A 19 -6.97 -21.53 11.26
CA SER A 19 -6.69 -21.50 9.84
C SER A 19 -7.96 -21.42 8.96
N PRO A 20 -9.08 -22.13 9.23
CA PRO A 20 -10.27 -21.87 8.41
C PRO A 20 -10.79 -20.43 8.61
N THR A 21 -10.67 -19.86 9.84
CA THR A 21 -11.14 -18.51 10.10
C THR A 21 -10.31 -17.55 9.29
N GLY A 22 -8.98 -17.69 9.37
CA GLY A 22 -8.06 -16.84 8.63
C GLY A 22 -8.31 -16.93 7.14
N GLU A 23 -8.56 -18.15 6.65
CA GLU A 23 -8.83 -18.35 5.24
C GLU A 23 -10.01 -17.49 4.80
N ARG A 24 -11.15 -17.63 5.51
CA ARG A 24 -12.39 -16.98 5.14
C ARG A 24 -12.35 -15.47 5.37
N VAL A 25 -11.66 -15.00 6.41
CA VAL A 25 -11.52 -13.58 6.65
C VAL A 25 -10.71 -12.97 5.49
N LEU A 26 -9.51 -13.54 5.18
CA LEU A 26 -8.70 -13.05 4.07
C LEU A 26 -9.45 -13.16 2.76
N GLN A 27 -10.17 -14.25 2.54
CA GLN A 27 -10.91 -14.43 1.30
C GLN A 27 -11.93 -13.28 1.09
N LYS A 28 -12.64 -12.87 2.14
CA LYS A 28 -13.62 -11.79 2.07
C LYS A 28 -12.93 -10.47 1.75
N LEU A 29 -11.72 -10.26 2.28
CA LEU A 29 -10.94 -9.04 2.02
C LEU A 29 -10.25 -9.05 0.64
N LEU A 30 -9.97 -10.23 0.09
CA LEU A 30 -9.25 -10.41 -1.19
C LEU A 30 -10.06 -11.27 -2.12
N PRO A 31 -11.21 -10.75 -2.58
CA PRO A 31 -12.13 -11.61 -3.37
C PRO A 31 -11.58 -12.05 -4.72
N ASN A 32 -10.53 -11.37 -5.23
CA ASN A 32 -9.92 -11.73 -6.49
C ASN A 32 -8.72 -12.68 -6.31
N LYS A 33 -8.56 -13.23 -5.09
CA LYS A 33 -7.49 -14.18 -4.77
C LYS A 33 -8.11 -15.52 -4.35
N THR A 34 -7.30 -16.58 -4.33
CA THR A 34 -7.76 -17.91 -3.91
C THR A 34 -7.09 -18.18 -2.59
N VAL A 35 -7.91 -18.35 -1.57
CA VAL A 35 -7.39 -18.57 -0.23
C VAL A 35 -7.90 -19.91 0.22
N ALA A 36 -7.01 -20.74 0.74
CA ALA A 36 -7.35 -22.04 1.29
C ALA A 36 -6.62 -22.17 2.61
N SER A 37 -6.79 -23.31 3.29
CA SER A 37 -6.13 -23.56 4.55
C SER A 37 -5.85 -25.03 4.75
N ALA A 38 -4.86 -25.34 5.61
CA ALA A 38 -4.48 -26.71 5.94
C ALA A 38 -3.89 -26.80 7.34
N GLY A 39 -3.89 -28.02 7.90
CA GLY A 39 -3.37 -28.30 9.24
C GLY A 39 -2.15 -29.19 9.24
N ILE A 40 -1.15 -28.80 10.04
CA ILE A 40 0.12 -29.51 10.21
C ILE A 40 -0.12 -30.93 10.75
N ALA A 41 -1.09 -31.10 11.65
CA ALA A 41 -1.37 -32.39 12.27
C ALA A 41 -2.83 -32.81 12.11
N ALA A 42 -3.47 -32.37 11.01
CA ALA A 42 -4.87 -32.70 10.77
C ALA A 42 -5.08 -34.24 10.69
N GLU A 43 -4.15 -34.95 10.03
CA GLU A 43 -4.20 -36.40 9.84
C GLU A 43 -3.96 -37.12 11.15
N LYS A 44 -2.87 -36.79 11.87
CA LYS A 44 -2.58 -37.42 13.16
C LYS A 44 -3.72 -37.16 14.19
N SER A 45 -4.38 -36.00 14.10
CA SER A 45 -5.46 -35.63 15.01
C SER A 45 -6.79 -36.25 14.59
N ARG A 46 -6.81 -36.98 13.46
CA ARG A 46 -8.01 -37.64 12.90
C ARG A 46 -9.11 -36.63 12.57
N LEU A 47 -8.69 -35.42 12.11
CA LEU A 47 -9.59 -34.32 11.80
C LEU A 47 -9.92 -34.12 10.33
N ILE A 48 -9.25 -34.85 9.43
CA ILE A 48 -9.47 -34.73 7.99
C ILE A 48 -10.96 -34.86 7.64
N GLY A 49 -11.47 -33.87 6.92
CA GLY A 49 -12.85 -33.82 6.47
C GLY A 49 -13.81 -33.15 7.44
N LYS A 50 -13.36 -32.93 8.69
CA LYS A 50 -14.19 -32.31 9.73
C LYS A 50 -14.50 -30.86 9.38
N PRO A 51 -15.70 -30.37 9.78
CA PRO A 51 -16.01 -28.95 9.53
C PRO A 51 -15.22 -28.06 10.48
N ALA A 52 -15.34 -26.76 10.32
CA ALA A 52 -14.71 -25.85 11.26
C ALA A 52 -15.46 -25.98 12.59
N ASP A 53 -14.76 -25.72 13.70
CA ASP A 53 -15.38 -25.76 15.02
C ASP A 53 -16.64 -24.85 15.06
N ALA A 54 -17.73 -25.33 15.66
CA ALA A 54 -19.00 -24.60 15.76
C ALA A 54 -18.85 -23.18 16.31
N MET A 55 -17.97 -22.98 17.33
CA MET A 55 -17.75 -21.68 17.88
C MET A 55 -16.98 -20.80 16.95
N ALA A 56 -16.03 -21.38 16.20
CA ALA A 56 -15.28 -20.60 15.21
C ALA A 56 -16.28 -20.11 14.13
N ILE A 57 -17.19 -21.00 13.68
CA ILE A 57 -18.21 -20.64 12.71
C ILE A 57 -19.11 -19.52 13.25
N GLU A 58 -19.59 -19.69 14.50
CA GLU A 58 -20.49 -18.76 15.17
C GLU A 58 -19.88 -17.35 15.32
N VAL A 59 -18.65 -17.29 15.83
CA VAL A 59 -17.97 -16.01 16.04
C VAL A 59 -17.73 -15.30 14.70
N ALA A 60 -17.32 -16.04 13.69
CA ALA A 60 -17.12 -15.45 12.38
C ALA A 60 -18.44 -14.95 11.83
N LYS A 61 -19.52 -15.72 12.02
CA LYS A 61 -20.87 -15.34 11.53
C LYS A 61 -21.27 -13.97 12.11
N GLU A 62 -21.00 -13.78 13.42
CA GLU A 62 -21.27 -12.55 14.15
C GLU A 62 -20.44 -11.37 13.66
N ASN A 63 -19.40 -11.65 12.88
CA ASN A 63 -18.52 -10.65 12.26
C ASN A 63 -18.66 -10.69 10.76
N CYS A 64 -19.78 -11.25 10.28
CA CYS A 64 -20.18 -11.31 8.88
C CYS A 64 -19.15 -12.07 7.98
N VAL A 65 -18.57 -13.14 8.52
CA VAL A 65 -17.64 -14.02 7.78
C VAL A 65 -18.18 -15.45 7.79
N ASP A 66 -18.27 -16.08 6.61
CA ASP A 66 -18.80 -17.46 6.50
C ASP A 66 -17.74 -18.52 6.55
N VAL A 67 -17.81 -19.37 7.57
CA VAL A 67 -16.84 -20.46 7.76
C VAL A 67 -17.60 -21.83 7.69
N GLU A 68 -18.73 -21.82 7.00
CA GLU A 68 -19.52 -23.01 6.72
C GLU A 68 -18.88 -23.69 5.52
N ASN A 69 -19.23 -24.96 5.23
CA ASN A 69 -18.72 -25.72 4.10
C ASN A 69 -17.17 -25.88 4.12
N HIS A 70 -16.57 -25.91 5.33
CA HIS A 70 -15.14 -26.13 5.44
C HIS A 70 -14.87 -27.60 5.65
N GLN A 71 -13.76 -28.10 5.09
CA GLN A 71 -13.31 -29.47 5.34
C GLN A 71 -11.85 -29.43 5.72
N SER A 72 -11.50 -29.86 6.96
CA SER A 72 -10.12 -29.87 7.40
C SER A 72 -9.26 -30.75 6.49
N GLN A 73 -8.07 -30.25 6.15
CA GLN A 73 -7.14 -31.01 5.33
C GLN A 73 -5.73 -30.99 5.87
N GLN A 74 -4.97 -32.03 5.57
CA GLN A 74 -3.58 -32.15 5.99
C GLN A 74 -2.64 -31.34 5.12
N LEU A 75 -1.68 -30.66 5.75
CA LEU A 75 -0.63 -29.92 5.06
C LEU A 75 0.39 -30.93 4.48
N THR A 76 0.64 -30.86 3.16
CA THR A 76 1.60 -31.73 2.48
C THR A 76 2.52 -30.87 1.62
N SER A 77 3.65 -31.43 1.17
CA SER A 77 4.58 -30.75 0.26
C SER A 77 3.87 -30.42 -1.06
N ALA A 78 3.06 -31.36 -1.58
CA ALA A 78 2.31 -31.17 -2.82
C ALA A 78 1.33 -30.01 -2.69
N LEU A 79 0.69 -29.90 -1.52
CA LEU A 79 -0.26 -28.84 -1.29
C LEU A 79 0.47 -27.52 -1.35
N CYS A 80 1.63 -27.44 -0.69
CA CYS A 80 2.44 -26.23 -0.63
C CYS A 80 2.85 -25.72 -2.01
N SER A 81 3.18 -26.63 -2.93
CA SER A 81 3.61 -26.26 -4.27
C SER A 81 2.50 -25.51 -5.05
N GLN A 82 1.24 -25.67 -4.65
CA GLN A 82 0.09 -25.05 -5.30
C GLN A 82 -0.16 -23.62 -4.87
N TYR A 83 0.50 -23.15 -3.82
CA TYR A 83 0.25 -21.82 -3.27
C TYR A 83 1.45 -20.90 -3.35
N ASP A 84 1.17 -19.62 -3.58
CA ASP A 84 2.19 -18.60 -3.75
C ASP A 84 2.68 -18.08 -2.40
N LEU A 85 1.81 -18.05 -1.41
CA LEU A 85 2.13 -17.53 -0.09
C LEU A 85 1.51 -18.45 0.97
N ILE A 86 2.29 -18.76 2.02
CA ILE A 86 1.88 -19.61 3.12
C ILE A 86 1.98 -18.82 4.40
N LEU A 87 0.87 -18.76 5.15
CA LEU A 87 0.78 -17.98 6.38
C LEU A 87 0.45 -18.85 7.55
N VAL A 88 1.44 -19.00 8.47
CA VAL A 88 1.31 -19.83 9.69
C VAL A 88 0.76 -19.01 10.84
N MET A 89 0.03 -19.64 11.75
CA MET A 89 -0.63 -18.96 12.86
C MET A 89 0.30 -18.69 14.00
N GLU A 90 1.32 -19.53 14.17
CA GLU A 90 2.37 -19.39 15.20
C GLU A 90 3.76 -19.55 14.58
N LYS A 91 4.74 -18.82 15.16
CA LYS A 91 6.14 -18.88 14.75
C LYS A 91 6.67 -20.32 14.87
N GLY A 92 6.21 -21.04 15.90
CA GLY A 92 6.56 -22.43 16.16
C GLY A 92 6.15 -23.38 15.05
N HIS A 93 5.11 -23.00 14.28
CA HIS A 93 4.60 -23.80 13.16
C HIS A 93 5.59 -23.90 12.01
N MET A 94 6.53 -22.95 11.92
CA MET A 94 7.51 -22.93 10.85
C MET A 94 8.40 -24.16 10.85
N GLU A 95 8.89 -24.59 12.01
CA GLU A 95 9.74 -25.78 12.06
C GLU A 95 8.98 -27.04 11.67
N ALA A 96 7.74 -27.13 12.13
CA ALA A 96 6.87 -28.23 11.76
C ALA A 96 6.60 -28.22 10.25
N LEU A 97 6.47 -27.01 9.65
CA LEU A 97 6.21 -26.88 8.22
C LEU A 97 7.41 -27.35 7.42
N THR A 98 8.61 -26.88 7.75
CA THR A 98 9.87 -27.22 7.06
C THR A 98 10.11 -28.73 7.07
N GLN A 99 9.71 -29.42 8.15
CA GLN A 99 9.84 -30.86 8.23
C GLN A 99 9.02 -31.53 7.14
N ILE A 100 7.84 -30.99 6.85
CA ILE A 100 6.94 -31.52 5.83
C ILE A 100 7.36 -31.05 4.44
N ALA A 101 7.57 -29.75 4.27
CA ALA A 101 7.87 -29.14 2.99
C ALA A 101 9.06 -28.19 3.13
N PRO A 102 10.29 -28.72 3.10
CA PRO A 102 11.46 -27.84 3.25
C PRO A 102 11.55 -26.78 2.16
N GLU A 103 11.09 -27.11 0.95
CA GLU A 103 11.12 -26.20 -0.21
C GLU A 103 10.16 -25.02 -0.09
N ALA A 104 9.17 -25.12 0.82
CA ALA A 104 8.16 -24.07 1.02
C ALA A 104 8.57 -22.99 2.02
N ARG A 105 9.74 -23.14 2.66
CA ARG A 105 10.18 -22.15 3.63
C ARG A 105 10.32 -20.73 3.03
N GLY A 106 10.78 -20.62 1.80
CA GLY A 106 10.94 -19.32 1.13
C GLY A 106 9.69 -18.47 1.06
N LYS A 107 8.52 -19.12 0.92
CA LYS A 107 7.22 -18.43 0.79
C LYS A 107 6.35 -18.48 2.04
N THR A 108 6.91 -18.94 3.15
CA THR A 108 6.22 -19.10 4.43
C THR A 108 6.49 -17.91 5.31
N MET A 109 5.40 -17.29 5.75
CA MET A 109 5.40 -16.11 6.61
C MET A 109 4.36 -16.26 7.71
N LEU A 110 4.40 -15.35 8.67
CA LEU A 110 3.51 -15.35 9.81
C LEU A 110 2.19 -14.65 9.44
N PHE A 111 1.06 -15.25 9.81
CA PHE A 111 -0.25 -14.65 9.59
C PHE A 111 -0.28 -13.27 10.28
N GLY A 112 0.22 -13.19 11.50
CA GLY A 112 0.27 -11.93 12.23
C GLY A 112 1.52 -11.10 11.99
N GLN A 113 2.19 -11.23 10.83
CA GLN A 113 3.43 -10.51 10.54
C GLN A 113 3.35 -9.03 10.71
N TRP A 114 2.29 -8.42 10.19
CA TRP A 114 2.17 -6.96 10.17
C TRP A 114 1.54 -6.35 11.39
N ILE A 115 1.18 -7.16 12.38
CA ILE A 115 0.60 -6.67 13.62
C ILE A 115 1.60 -6.93 14.77
N GLY A 116 2.86 -6.72 14.46
CA GLY A 116 3.96 -6.91 15.42
C GLY A 116 4.40 -8.36 15.56
N GLN A 117 4.30 -9.11 14.44
CA GLN A 117 4.70 -10.50 14.37
C GLN A 117 4.09 -11.33 15.53
N LYS A 118 2.78 -11.15 15.75
CA LYS A 118 2.05 -11.80 16.83
C LYS A 118 1.63 -13.22 16.49
N ASP A 119 1.75 -14.12 17.47
CA ASP A 119 1.25 -15.48 17.32
C ASP A 119 -0.27 -15.39 17.63
N ILE A 120 -1.06 -16.23 16.98
CA ILE A 120 -2.49 -16.27 17.20
C ILE A 120 -2.80 -17.51 18.03
N PRO A 121 -3.26 -17.32 19.28
CA PRO A 121 -3.47 -18.47 20.17
C PRO A 121 -4.60 -19.40 19.79
N ASP A 122 -4.41 -20.67 20.03
CA ASP A 122 -5.39 -21.70 19.77
C ASP A 122 -6.57 -21.59 20.76
N PRO A 123 -7.81 -21.41 20.24
CA PRO A 123 -8.97 -21.38 21.14
C PRO A 123 -9.63 -22.76 21.41
N TYR A 124 -9.13 -23.81 20.73
CA TYR A 124 -9.74 -25.12 20.78
C TYR A 124 -9.90 -25.64 22.20
N ARG A 125 -11.08 -26.24 22.48
CA ARG A 125 -11.47 -26.82 23.78
C ARG A 125 -11.81 -25.76 24.83
N GLN A 126 -11.85 -24.48 24.45
CA GLN A 126 -12.17 -23.39 25.36
C GLN A 126 -13.55 -22.79 25.07
N SER A 127 -14.01 -21.89 25.93
CA SER A 127 -15.31 -21.21 25.78
C SER A 127 -15.28 -20.24 24.60
N LYS A 128 -16.45 -19.79 24.20
CA LYS A 128 -16.64 -18.87 23.08
C LYS A 128 -15.78 -17.58 23.19
N GLU A 129 -15.48 -17.17 24.42
CA GLU A 129 -14.65 -16.00 24.62
C GLU A 129 -13.25 -16.16 24.01
N ALA A 130 -12.66 -17.32 24.12
CA ALA A 130 -11.37 -17.60 23.53
C ALA A 130 -11.41 -17.50 21.99
N PHE A 131 -12.53 -17.92 21.39
CA PHE A 131 -12.75 -17.85 19.95
C PHE A 131 -12.89 -16.39 19.51
N VAL A 132 -13.50 -15.56 20.39
CA VAL A 132 -13.65 -14.12 20.14
C VAL A 132 -12.28 -13.48 20.07
N HIS A 133 -11.42 -13.82 21.03
CA HIS A 133 -10.07 -13.28 21.11
C HIS A 133 -9.26 -13.63 19.86
N ALA A 134 -9.29 -14.91 19.47
CA ALA A 134 -8.61 -15.40 18.28
C ALA A 134 -9.12 -14.69 17.03
N TYR A 135 -10.45 -14.55 16.90
CA TYR A 135 -11.02 -13.86 15.73
C TYR A 135 -10.53 -12.42 15.63
N GLN A 136 -10.50 -11.70 16.76
CA GLN A 136 -10.06 -10.32 16.78
C GLN A 136 -8.65 -10.18 16.18
N LEU A 137 -7.71 -11.03 16.65
CA LEU A 137 -6.33 -11.03 16.18
C LEU A 137 -6.26 -11.39 14.71
N ILE A 138 -6.97 -12.47 14.30
CA ILE A 138 -7.02 -12.90 12.90
C ILE A 138 -7.53 -11.76 12.02
N ASP A 139 -8.61 -11.09 12.44
CA ASP A 139 -9.18 -9.97 11.70
C ASP A 139 -8.16 -8.84 11.51
N GLU A 140 -7.56 -8.37 12.60
CA GLU A 140 -6.56 -7.32 12.55
C GLU A 140 -5.41 -7.75 11.64
N ALA A 141 -4.99 -9.03 11.73
CA ALA A 141 -3.85 -9.51 10.96
C ALA A 141 -4.13 -9.57 9.50
N ALA A 142 -5.33 -10.07 9.15
CA ALA A 142 -5.78 -10.20 7.78
C ALA A 142 -5.98 -8.83 7.10
N GLN A 143 -6.51 -7.84 7.84
CA GLN A 143 -6.69 -6.49 7.33
C GLN A 143 -5.34 -5.90 6.91
N ALA A 144 -4.27 -6.15 7.71
CA ALA A 144 -2.91 -5.70 7.41
C ALA A 144 -2.35 -6.39 6.17
N TRP A 145 -2.51 -7.72 6.05
CA TRP A 145 -2.08 -8.43 4.86
C TRP A 145 -2.77 -7.90 3.62
N ALA A 146 -4.12 -7.69 3.69
CA ALA A 146 -4.90 -7.20 2.55
C ALA A 146 -4.39 -5.86 1.99
N LYS A 147 -3.91 -4.96 2.86
CA LYS A 147 -3.32 -3.64 2.53
C LYS A 147 -1.99 -3.81 1.79
N LYS A 148 -1.26 -4.92 2.02
CA LYS A 148 0.05 -5.21 1.39
C LYS A 148 -0.09 -6.04 0.10
N LEU A 149 -1.21 -6.73 -0.09
CA LEU A 149 -1.41 -7.57 -1.27
C LEU A 149 -2.33 -6.93 -2.33
N MET B 3 2.66 12.11 5.84
CA MET B 3 1.77 12.81 6.76
C MET B 3 0.41 12.08 6.99
N GLY B 4 -0.41 12.03 5.95
CA GLY B 4 -1.72 11.41 6.04
C GLY B 4 -2.85 12.36 6.41
N PHE B 5 -4.01 11.76 6.76
CA PHE B 5 -5.34 12.30 6.99
C PHE B 5 -5.89 11.54 8.19
N ASN B 6 -6.24 12.24 9.24
CA ASN B 6 -6.73 11.64 10.49
C ASN B 6 -8.19 11.92 10.75
N LYS B 7 -8.66 13.11 10.33
CA LYS B 7 -10.05 13.51 10.51
C LYS B 7 -10.76 13.53 9.18
N ILE B 8 -11.76 12.67 9.02
CA ILE B 8 -12.52 12.48 7.77
C ILE B 8 -14.00 12.85 7.92
N LEU B 9 -14.53 13.62 6.96
CA LEU B 9 -15.92 14.07 6.98
C LEU B 9 -16.58 13.56 5.74
N VAL B 10 -17.54 12.65 5.93
CA VAL B 10 -18.34 12.05 4.86
C VAL B 10 -19.59 12.96 4.72
N VAL B 11 -19.90 13.42 3.49
CA VAL B 11 -20.99 14.35 3.21
C VAL B 11 -22.07 13.74 2.32
N CYS B 12 -23.33 14.09 2.56
CA CYS B 12 -24.46 13.81 1.69
C CYS B 12 -25.50 14.94 1.88
N VAL B 13 -26.74 14.73 1.41
CA VAL B 13 -27.77 15.78 1.45
C VAL B 13 -28.38 15.96 2.85
N GLY B 14 -28.96 14.89 3.42
CA GLY B 14 -29.64 14.97 4.71
C GLY B 14 -28.90 14.51 5.94
N ASN B 15 -27.78 13.80 5.77
CA ASN B 15 -26.97 13.23 6.86
C ASN B 15 -27.81 12.22 7.67
N ILE B 16 -28.70 11.44 7.00
CA ILE B 16 -29.52 10.45 7.71
C ILE B 16 -29.39 9.03 7.11
N CYS B 17 -29.03 8.90 5.82
CA CYS B 17 -28.89 7.58 5.16
C CYS B 17 -27.46 7.20 4.77
N ARG B 18 -26.93 7.78 3.68
CA ARG B 18 -25.63 7.47 3.09
C ARG B 18 -24.46 7.86 3.93
N SER B 19 -24.26 9.19 4.18
CA SER B 19 -23.11 9.67 4.96
C SER B 19 -22.96 9.00 6.32
N PRO B 20 -24.04 8.75 7.13
CA PRO B 20 -23.81 8.02 8.41
C PRO B 20 -23.32 6.60 8.16
N THR B 21 -23.76 5.98 7.05
CA THR B 21 -23.30 4.66 6.68
C THR B 21 -21.79 4.77 6.36
N GLY B 22 -21.44 5.68 5.44
CA GLY B 22 -20.07 5.91 5.04
C GLY B 22 -19.16 6.19 6.21
N GLU B 23 -19.66 7.00 7.15
CA GLU B 23 -18.91 7.38 8.34
C GLU B 23 -18.62 6.16 9.18
N ARG B 24 -19.67 5.41 9.51
CA ARG B 24 -19.52 4.25 10.39
C ARG B 24 -18.79 3.10 9.77
N VAL B 25 -18.91 2.92 8.43
CA VAL B 25 -18.18 1.89 7.69
C VAL B 25 -16.70 2.24 7.76
N LEU B 26 -16.34 3.46 7.34
CA LEU B 26 -14.94 3.90 7.37
C LEU B 26 -14.40 3.86 8.79
N GLN B 27 -15.19 4.31 9.78
CA GLN B 27 -14.79 4.29 11.19
C GLN B 27 -14.37 2.90 11.64
N LYS B 28 -15.13 1.87 11.28
CA LYS B 28 -14.82 0.47 11.62
C LYS B 28 -13.54 0.03 10.98
N LEU B 29 -13.29 0.50 9.73
CA LEU B 29 -12.08 0.13 8.98
C LEU B 29 -10.84 0.89 9.42
N LEU B 30 -11.01 2.12 9.90
CA LEU B 30 -9.90 2.99 10.31
C LEU B 30 -10.13 3.43 11.76
N PRO B 31 -9.98 2.47 12.72
CA PRO B 31 -10.31 2.77 14.13
C PRO B 31 -9.39 3.77 14.82
N ASN B 32 -8.24 4.05 14.23
CA ASN B 32 -7.27 5.01 14.76
C ASN B 32 -7.50 6.43 14.17
N LYS B 33 -8.63 6.64 13.49
CA LYS B 33 -8.98 7.90 12.83
C LYS B 33 -10.29 8.42 13.37
N THR B 34 -10.60 9.70 13.12
CA THR B 34 -11.89 10.28 13.50
C THR B 34 -12.68 10.44 12.23
N VAL B 35 -13.82 9.74 12.15
CA VAL B 35 -14.73 9.82 11.01
C VAL B 35 -16.08 10.34 11.47
N ALA B 36 -16.51 11.47 10.88
CA ALA B 36 -17.78 12.11 11.15
C ALA B 36 -18.50 12.32 9.83
N SER B 37 -19.69 12.88 9.90
CA SER B 37 -20.50 13.15 8.73
C SER B 37 -21.38 14.38 8.91
N ALA B 38 -21.77 15.00 7.78
CA ALA B 38 -22.63 16.17 7.77
C ALA B 38 -23.45 16.23 6.49
N GLY B 39 -24.57 16.97 6.55
CA GLY B 39 -25.52 17.11 5.45
C GLY B 39 -25.55 18.50 4.90
N ILE B 40 -25.48 18.58 3.56
CA ILE B 40 -25.55 19.82 2.78
C ILE B 40 -26.87 20.59 3.06
N ALA B 41 -27.99 19.85 3.21
CA ALA B 41 -29.33 20.41 3.45
C ALA B 41 -30.03 19.89 4.73
N ALA B 42 -29.25 19.46 5.75
CA ALA B 42 -29.75 18.98 7.05
C ALA B 42 -30.62 20.00 7.78
N GLU B 43 -30.30 21.31 7.63
CA GLU B 43 -31.03 22.42 8.24
C GLU B 43 -32.28 22.71 7.45
N LYS B 44 -32.12 22.82 6.11
CA LYS B 44 -33.16 23.10 5.11
C LYS B 44 -34.16 21.95 4.92
N SER B 45 -33.93 20.81 5.58
CA SER B 45 -34.80 19.63 5.59
C SER B 45 -35.36 19.38 7.00
N ARG B 46 -34.96 20.20 7.98
CA ARG B 46 -35.31 20.11 9.41
C ARG B 46 -34.94 18.76 9.99
N LEU B 47 -33.76 18.26 9.59
CA LEU B 47 -33.25 16.96 10.02
C LEU B 47 -32.20 17.03 11.13
N ILE B 48 -31.77 18.23 11.54
CA ILE B 48 -30.74 18.42 12.57
C ILE B 48 -31.10 17.68 13.87
N GLY B 49 -30.20 16.82 14.33
CA GLY B 49 -30.38 16.03 15.55
C GLY B 49 -31.06 14.69 15.35
N LYS B 50 -31.66 14.48 14.15
CA LYS B 50 -32.35 13.24 13.80
C LYS B 50 -31.40 12.04 13.77
N PRO B 51 -31.87 10.82 14.14
CA PRO B 51 -30.99 9.64 14.04
C PRO B 51 -30.84 9.19 12.59
N ALA B 52 -30.00 8.17 12.36
CA ALA B 52 -29.87 7.63 11.02
C ALA B 52 -31.16 6.86 10.70
N ASP B 53 -31.49 6.67 9.41
CA ASP B 53 -32.70 5.94 9.04
C ASP B 53 -32.64 4.49 9.60
N ALA B 54 -33.80 3.99 10.05
CA ALA B 54 -33.91 2.64 10.59
C ALA B 54 -33.39 1.57 9.63
N MET B 55 -33.68 1.70 8.30
CA MET B 55 -33.20 0.73 7.32
C MET B 55 -31.71 0.89 7.11
N ALA B 56 -31.20 2.13 7.19
CA ALA B 56 -29.78 2.35 7.08
C ALA B 56 -29.16 1.57 8.25
N ILE B 57 -29.60 1.86 9.50
CA ILE B 57 -29.13 1.20 10.72
C ILE B 57 -29.19 -0.33 10.58
N GLU B 58 -30.35 -0.86 10.13
CA GLU B 58 -30.60 -2.29 9.92
C GLU B 58 -29.68 -2.98 8.92
N VAL B 59 -29.59 -2.50 7.66
CA VAL B 59 -28.69 -3.05 6.62
C VAL B 59 -27.21 -2.99 7.10
N ALA B 60 -26.79 -1.89 7.76
CA ALA B 60 -25.43 -1.80 8.31
C ALA B 60 -25.25 -2.84 9.42
N LYS B 61 -26.26 -3.02 10.31
CA LYS B 61 -26.20 -4.02 11.40
C LYS B 61 -25.94 -5.40 10.82
N GLU B 62 -26.64 -5.74 9.72
CA GLU B 62 -26.54 -7.01 9.00
C GLU B 62 -25.21 -7.19 8.30
N ASN B 63 -24.42 -6.09 8.20
CA ASN B 63 -23.08 -6.09 7.64
C ASN B 63 -22.05 -5.74 8.71
N CYS B 64 -22.46 -5.96 9.99
CA CYS B 64 -21.65 -5.81 11.21
C CYS B 64 -21.11 -4.37 11.42
N VAL B 65 -21.92 -3.35 11.07
CA VAL B 65 -21.57 -1.92 11.22
C VAL B 65 -22.62 -1.22 12.09
N ASP B 66 -22.17 -0.47 13.11
CA ASP B 66 -23.05 0.28 14.03
C ASP B 66 -23.35 1.71 13.59
N VAL B 67 -24.64 1.99 13.29
CA VAL B 67 -25.05 3.33 12.86
C VAL B 67 -26.06 3.90 13.90
N GLU B 68 -25.91 3.40 15.12
CA GLU B 68 -26.72 3.81 16.25
C GLU B 68 -26.04 5.04 16.84
N ASN B 69 -26.80 5.85 17.57
CA ASN B 69 -26.38 7.07 18.26
C ASN B 69 -25.81 8.11 17.29
N HIS B 70 -26.43 8.21 16.11
CA HIS B 70 -26.07 9.23 15.14
C HIS B 70 -27.00 10.44 15.32
N GLN B 71 -26.47 11.65 15.10
CA GLN B 71 -27.25 12.89 15.10
C GLN B 71 -26.93 13.66 13.86
N SER B 72 -27.93 13.88 13.02
CA SER B 72 -27.75 14.55 11.74
C SER B 72 -27.36 16.03 11.93
N GLN B 73 -26.27 16.48 11.26
CA GLN B 73 -25.78 17.85 11.40
C GLN B 73 -25.59 18.56 10.08
N GLN B 74 -25.72 19.90 10.11
CA GLN B 74 -25.55 20.74 8.94
C GLN B 74 -24.05 20.95 8.59
N LEU B 75 -23.73 20.84 7.29
CA LEU B 75 -22.39 21.11 6.79
C LEU B 75 -22.16 22.66 6.79
N THR B 76 -21.09 23.10 7.46
CA THR B 76 -20.70 24.52 7.55
C THR B 76 -19.21 24.65 7.23
N SER B 77 -18.74 25.87 6.92
CA SER B 77 -17.33 26.16 6.66
C SER B 77 -16.47 25.83 7.89
N ALA B 78 -16.97 26.15 9.09
CA ALA B 78 -16.31 25.88 10.37
C ALA B 78 -16.14 24.38 10.59
N LEU B 79 -17.15 23.60 10.22
CA LEU B 79 -17.09 22.16 10.36
C LEU B 79 -16.00 21.64 9.47
N CYS B 80 -15.94 22.12 8.22
CA CYS B 80 -14.93 21.72 7.23
C CYS B 80 -13.50 21.96 7.68
N SER B 81 -13.24 23.08 8.36
CA SER B 81 -11.90 23.41 8.84
C SER B 81 -11.36 22.37 9.84
N GLN B 82 -12.25 21.64 10.52
CA GLN B 82 -11.89 20.63 11.50
C GLN B 82 -11.46 19.30 10.90
N TYR B 83 -11.68 19.08 9.59
CA TYR B 83 -11.37 17.80 8.97
C TYR B 83 -10.29 17.89 7.92
N ASP B 84 -9.47 16.83 7.82
CA ASP B 84 -8.35 16.74 6.87
C ASP B 84 -8.83 16.33 5.48
N LEU B 85 -9.86 15.51 5.41
CA LEU B 85 -10.40 14.98 4.17
C LEU B 85 -11.93 15.01 4.21
N ILE B 86 -12.55 15.46 3.10
CA ILE B 86 -14.00 15.51 2.95
C ILE B 86 -14.39 14.64 1.78
N LEU B 87 -15.29 13.66 2.02
CA LEU B 87 -15.78 12.69 1.02
C LEU B 87 -17.26 12.90 0.72
N VAL B 88 -17.57 13.34 -0.48
CA VAL B 88 -18.96 13.55 -0.89
C VAL B 88 -19.49 12.30 -1.54
N MET B 89 -20.79 12.07 -1.43
CA MET B 89 -21.43 10.85 -1.92
C MET B 89 -21.55 10.87 -3.41
N GLU B 90 -21.99 12.04 -3.93
CA GLU B 90 -22.21 12.32 -5.34
C GLU B 90 -21.31 13.45 -5.84
N LYS B 91 -20.91 13.38 -7.13
CA LYS B 91 -20.13 14.41 -7.82
C LYS B 91 -20.87 15.76 -7.79
N GLY B 92 -22.20 15.71 -7.88
CA GLY B 92 -23.09 16.87 -7.82
C GLY B 92 -23.04 17.61 -6.49
N HIS B 93 -22.65 16.91 -5.40
CA HIS B 93 -22.52 17.48 -4.05
C HIS B 93 -21.38 18.49 -3.94
N MET B 94 -20.38 18.40 -4.84
CA MET B 94 -19.23 19.29 -4.87
C MET B 94 -19.64 20.75 -5.07
N GLU B 95 -20.56 21.01 -6.03
CA GLU B 95 -21.11 22.34 -6.33
C GLU B 95 -21.68 22.93 -5.03
N ALA B 96 -22.58 22.18 -4.38
CA ALA B 96 -23.24 22.56 -3.14
C ALA B 96 -22.26 22.72 -1.97
N LEU B 97 -21.11 21.99 -1.99
CA LEU B 97 -20.10 22.11 -0.95
C LEU B 97 -19.31 23.42 -1.09
N THR B 98 -18.79 23.72 -2.30
CA THR B 98 -18.03 24.94 -2.63
C THR B 98 -18.83 26.19 -2.28
N GLN B 99 -20.17 26.17 -2.51
CA GLN B 99 -21.09 27.25 -2.18
C GLN B 99 -21.09 27.57 -0.66
N ILE B 100 -20.86 26.53 0.18
CA ILE B 100 -20.79 26.64 1.65
C ILE B 100 -19.36 26.94 2.10
N ALA B 101 -18.40 26.13 1.65
CA ALA B 101 -17.00 26.20 2.05
C ALA B 101 -16.09 26.19 0.83
N PRO B 102 -15.88 27.35 0.17
CA PRO B 102 -15.02 27.37 -1.02
C PRO B 102 -13.58 26.96 -0.74
N GLU B 103 -13.07 27.26 0.46
CA GLU B 103 -11.72 26.93 0.92
C GLU B 103 -11.48 25.43 1.12
N ALA B 104 -12.57 24.64 1.30
CA ALA B 104 -12.52 23.20 1.55
C ALA B 104 -12.48 22.34 0.29
N ARG B 105 -12.61 22.94 -0.91
CA ARG B 105 -12.61 22.19 -2.17
C ARG B 105 -11.35 21.39 -2.43
N GLY B 106 -10.18 21.95 -2.04
CA GLY B 106 -8.89 21.28 -2.17
C GLY B 106 -8.75 19.97 -1.40
N LYS B 107 -9.53 19.81 -0.29
CA LYS B 107 -9.54 18.61 0.56
C LYS B 107 -10.83 17.78 0.40
N THR B 108 -11.62 18.10 -0.66
CA THR B 108 -12.89 17.46 -1.01
C THR B 108 -12.71 16.53 -2.18
N MET B 109 -13.07 15.27 -1.94
CA MET B 109 -12.99 14.18 -2.90
C MET B 109 -14.24 13.33 -2.87
N LEU B 110 -14.34 12.42 -3.83
CA LEU B 110 -15.48 11.56 -3.97
C LEU B 110 -15.33 10.36 -3.02
N PHE B 111 -16.45 9.95 -2.39
CA PHE B 111 -16.47 8.80 -1.53
C PHE B 111 -16.07 7.58 -2.39
N GLY B 112 -16.65 7.49 -3.58
CA GLY B 112 -16.37 6.37 -4.48
C GLY B 112 -15.22 6.57 -5.42
N GLN B 113 -14.25 7.47 -5.08
CA GLN B 113 -13.10 7.82 -5.93
C GLN B 113 -12.36 6.64 -6.49
N TRP B 114 -12.02 5.67 -5.63
CA TRP B 114 -11.20 4.52 -6.01
C TRP B 114 -11.96 3.36 -6.60
N ILE B 115 -13.29 3.48 -6.70
CA ILE B 115 -14.14 2.45 -7.29
C ILE B 115 -14.70 2.95 -8.62
N GLY B 116 -13.86 3.66 -9.35
CA GLY B 116 -14.20 4.21 -10.66
C GLY B 116 -15.01 5.48 -10.57
N GLN B 117 -14.74 6.28 -9.52
CA GLN B 117 -15.37 7.57 -9.30
C GLN B 117 -16.92 7.47 -9.35
N LYS B 118 -17.48 6.44 -8.68
CA LYS B 118 -18.91 6.16 -8.66
C LYS B 118 -19.69 7.01 -7.67
N ASP B 119 -20.89 7.45 -8.10
CA ASP B 119 -21.82 8.16 -7.23
C ASP B 119 -22.59 7.07 -6.45
N ILE B 120 -22.98 7.38 -5.23
CA ILE B 120 -23.73 6.46 -4.40
C ILE B 120 -25.21 6.92 -4.35
N PRO B 121 -26.12 6.09 -4.90
CA PRO B 121 -27.53 6.49 -4.99
C PRO B 121 -28.28 6.65 -3.67
N ASP B 122 -29.22 7.61 -3.62
CA ASP B 122 -30.02 7.91 -2.44
C ASP B 122 -31.13 6.84 -2.22
N PRO B 123 -31.08 6.08 -1.10
CA PRO B 123 -32.10 5.05 -0.88
C PRO B 123 -33.34 5.54 -0.13
N TYR B 124 -33.32 6.81 0.31
CA TYR B 124 -34.38 7.38 1.14
C TYR B 124 -35.77 7.22 0.53
N ARG B 125 -36.73 6.81 1.39
CA ARG B 125 -38.16 6.58 1.11
C ARG B 125 -38.41 5.29 0.30
N GLN B 126 -37.35 4.48 0.09
CA GLN B 126 -37.45 3.24 -0.65
C GLN B 126 -37.38 2.02 0.25
N SER B 127 -37.61 0.83 -0.32
CA SER B 127 -37.58 -0.42 0.42
C SER B 127 -36.15 -0.76 0.82
N LYS B 128 -36.02 -1.71 1.76
CA LYS B 128 -34.74 -2.19 2.30
C LYS B 128 -33.71 -2.60 1.20
N GLU B 129 -34.18 -3.11 0.02
CA GLU B 129 -33.35 -3.50 -1.14
C GLU B 129 -32.45 -2.33 -1.60
N ALA B 130 -33.03 -1.09 -1.66
CA ALA B 130 -32.32 0.13 -2.04
C ALA B 130 -31.20 0.45 -1.05
N PHE B 131 -31.43 0.16 0.24
CA PHE B 131 -30.45 0.37 1.31
C PHE B 131 -29.32 -0.66 1.23
N VAL B 132 -29.66 -1.85 0.73
CA VAL B 132 -28.71 -2.95 0.53
C VAL B 132 -27.75 -2.57 -0.59
N HIS B 133 -28.28 -2.26 -1.80
CA HIS B 133 -27.53 -1.89 -2.99
C HIS B 133 -26.52 -0.81 -2.64
N ALA B 134 -27.01 0.28 -2.02
CA ALA B 134 -26.21 1.41 -1.55
C ALA B 134 -25.15 0.96 -0.58
N TYR B 135 -25.51 0.10 0.40
CA TYR B 135 -24.53 -0.40 1.37
C TYR B 135 -23.34 -1.03 0.68
N GLN B 136 -23.64 -1.90 -0.27
CA GLN B 136 -22.62 -2.61 -1.05
C GLN B 136 -21.61 -1.63 -1.66
N LEU B 137 -22.11 -0.55 -2.30
CA LEU B 137 -21.28 0.49 -2.92
C LEU B 137 -20.44 1.23 -1.91
N ILE B 138 -21.07 1.75 -0.84
CA ILE B 138 -20.39 2.45 0.24
C ILE B 138 -19.28 1.54 0.88
N ASP B 139 -19.56 0.23 1.08
CA ASP B 139 -18.58 -0.72 1.62
C ASP B 139 -17.37 -0.83 0.69
N GLU B 140 -17.62 -1.15 -0.60
CA GLU B 140 -16.56 -1.29 -1.61
C GLU B 140 -15.69 -0.02 -1.65
N ALA B 141 -16.31 1.17 -1.74
CA ALA B 141 -15.63 2.45 -1.77
C ALA B 141 -14.78 2.69 -0.51
N ALA B 142 -15.32 2.36 0.70
CA ALA B 142 -14.62 2.53 2.00
C ALA B 142 -13.42 1.58 2.13
N GLN B 143 -13.61 0.32 1.75
CA GLN B 143 -12.52 -0.66 1.73
C GLN B 143 -11.31 -0.13 0.90
N ALA B 144 -11.60 0.45 -0.31
CA ALA B 144 -10.71 1.06 -1.29
C ALA B 144 -9.98 2.27 -0.67
N TRP B 145 -10.73 3.10 0.09
CA TRP B 145 -10.18 4.28 0.75
C TRP B 145 -9.36 3.92 1.98
N ALA B 146 -9.73 2.88 2.73
CA ALA B 146 -8.96 2.38 3.89
C ALA B 146 -7.55 1.83 3.48
N LYS B 147 -7.40 1.26 2.25
CA LYS B 147 -6.15 0.75 1.67
C LYS B 147 -5.21 1.94 1.35
N LYS B 148 -5.76 3.14 1.07
CA LYS B 148 -4.99 4.34 0.72
C LYS B 148 -4.65 5.17 1.96
N LEU B 149 -5.41 4.99 3.04
CA LEU B 149 -5.17 5.76 4.26
C LEU B 149 -4.44 4.97 5.35
N GLY C 4 6.75 -2.53 13.72
CA GLY C 4 7.34 -3.04 12.50
C GLY C 4 8.81 -3.45 12.57
N PHE C 5 9.48 -3.46 11.36
CA PHE C 5 10.86 -3.86 11.06
C PHE C 5 11.66 -2.59 10.82
N ASN C 6 12.60 -2.30 11.71
CA ASN C 6 13.38 -1.07 11.64
C ASN C 6 14.82 -1.31 11.27
N LYS C 7 15.38 -2.44 11.70
CA LYS C 7 16.76 -2.81 11.42
C LYS C 7 16.79 -3.95 10.45
N ILE C 8 17.37 -3.74 9.28
CA ILE C 8 17.45 -4.71 8.19
C ILE C 8 18.90 -5.10 7.84
N LEU C 9 19.17 -6.41 7.81
CA LEU C 9 20.48 -6.91 7.41
C LEU C 9 20.38 -7.65 6.07
N VAL C 10 21.06 -7.13 5.04
CA VAL C 10 21.10 -7.67 3.68
C VAL C 10 22.33 -8.56 3.62
N VAL C 11 22.14 -9.82 3.24
CA VAL C 11 23.18 -10.84 3.29
C VAL C 11 23.43 -11.48 1.93
N CYS C 12 24.72 -11.76 1.63
CA CYS C 12 25.23 -12.48 0.46
C CYS C 12 26.51 -13.24 0.87
N VAL C 13 27.31 -13.72 -0.10
CA VAL C 13 28.49 -14.53 0.17
C VAL C 13 29.68 -13.70 0.67
N GLY C 14 30.16 -12.72 -0.12
CA GLY C 14 31.34 -11.95 0.24
C GLY C 14 31.17 -10.59 0.85
N ASN C 15 29.94 -10.03 0.79
CA ASN C 15 29.63 -8.69 1.30
C ASN C 15 30.47 -7.62 0.55
N ILE C 16 30.71 -7.84 -0.76
CA ILE C 16 31.48 -6.89 -1.57
C ILE C 16 30.69 -6.43 -2.82
N CYS C 17 29.75 -7.25 -3.34
CA CYS C 17 28.97 -6.87 -4.54
C CYS C 17 27.47 -6.62 -4.25
N ARG C 18 26.66 -7.71 -4.14
CA ARG C 18 25.20 -7.66 -4.03
C ARG C 18 24.67 -7.06 -2.74
N SER C 19 25.01 -7.64 -1.57
CA SER C 19 24.52 -7.16 -0.28
C SER C 19 24.86 -5.68 0.00
N PRO C 20 26.07 -5.11 -0.31
CA PRO C 20 26.26 -3.69 -0.02
C PRO C 20 25.40 -2.83 -0.94
N THR C 21 25.10 -3.34 -2.18
CA THR C 21 24.23 -2.68 -3.15
C THR C 21 22.82 -2.68 -2.54
N GLY C 22 22.33 -3.85 -2.14
CA GLY C 22 21.04 -4.01 -1.50
C GLY C 22 20.87 -3.11 -0.31
N GLU C 23 21.95 -3.04 0.49
CA GLU C 23 22.00 -2.24 1.70
C GLU C 23 21.72 -0.79 1.36
N ARG C 24 22.54 -0.23 0.46
CA ARG C 24 22.51 1.18 0.09
C ARG C 24 21.28 1.55 -0.73
N VAL C 25 20.77 0.63 -1.55
CA VAL C 25 19.55 0.86 -2.33
C VAL C 25 18.37 0.98 -1.36
N LEU C 26 18.14 -0.06 -0.53
CA LEU C 26 17.08 -0.05 0.48
C LEU C 26 17.23 1.15 1.40
N GLN C 27 18.46 1.45 1.83
CA GLN C 27 18.71 2.58 2.72
C GLN C 27 18.21 3.89 2.11
N LYS C 28 18.44 4.12 0.81
CA LYS C 28 17.99 5.32 0.11
C LYS C 28 16.47 5.38 0.06
N LEU C 29 15.80 4.22 -0.09
CA LEU C 29 14.35 4.13 -0.14
C LEU C 29 13.68 4.22 1.22
N LEU C 30 14.34 3.74 2.27
CA LEU C 30 13.79 3.71 3.63
C LEU C 30 14.76 4.45 4.54
N PRO C 31 14.85 5.80 4.39
CA PRO C 31 15.82 6.58 5.18
C PRO C 31 15.54 6.62 6.68
N ASN C 32 14.35 6.24 7.13
CA ASN C 32 13.99 6.21 8.54
C ASN C 32 14.28 4.82 9.18
N LYS C 33 15.01 3.95 8.46
CA LYS C 33 15.36 2.59 8.90
C LYS C 33 16.87 2.44 8.94
N THR C 34 17.35 1.41 9.65
CA THR C 34 18.78 1.11 9.69
C THR C 34 19.02 -0.11 8.82
N VAL C 35 19.78 0.08 7.73
CA VAL C 35 20.09 -0.99 6.79
C VAL C 35 21.60 -1.21 6.76
N ALA C 36 22.02 -2.44 7.09
CA ALA C 36 23.41 -2.89 7.07
C ALA C 36 23.51 -4.15 6.22
N SER C 37 24.72 -4.68 6.10
CA SER C 37 24.97 -5.88 5.31
C SER C 37 26.14 -6.70 5.84
N ALA C 38 26.12 -8.01 5.55
CA ALA C 38 27.16 -8.94 5.96
C ALA C 38 27.28 -10.10 4.99
N GLY C 39 28.43 -10.76 5.01
CA GLY C 39 28.74 -11.88 4.14
C GLY C 39 28.90 -13.18 4.88
N ILE C 40 28.26 -14.22 4.32
CA ILE C 40 28.30 -15.59 4.83
C ILE C 40 29.74 -16.13 4.88
N ALA C 41 30.56 -15.79 3.86
CA ALA C 41 31.94 -16.26 3.73
C ALA C 41 33.00 -15.14 3.62
N ALA C 42 32.70 -13.93 4.18
CA ALA C 42 33.59 -12.76 4.21
C ALA C 42 34.93 -13.04 4.89
N GLU C 43 34.93 -13.92 5.92
CA GLU C 43 36.11 -14.33 6.67
C GLU C 43 36.91 -15.35 5.88
N LYS C 44 36.25 -16.46 5.41
CA LYS C 44 36.88 -17.54 4.63
C LYS C 44 37.54 -17.01 3.35
N SER C 45 36.93 -15.95 2.75
CA SER C 45 37.37 -15.31 1.50
C SER C 45 38.41 -14.22 1.74
N ARG C 46 38.74 -13.95 3.02
CA ARG C 46 39.70 -12.92 3.47
C ARG C 46 39.30 -11.52 2.97
N LEU C 47 37.98 -11.26 2.97
CA LEU C 47 37.39 -10.00 2.49
C LEU C 47 37.03 -9.00 3.58
N ILE C 48 37.15 -9.37 4.86
CA ILE C 48 36.81 -8.50 5.99
C ILE C 48 37.53 -7.14 5.91
N GLY C 49 36.75 -6.06 5.95
CA GLY C 49 37.23 -4.68 5.87
C GLY C 49 37.38 -4.13 4.46
N LYS C 50 37.29 -5.00 3.43
CA LYS C 50 37.39 -4.64 2.03
C LYS C 50 36.24 -3.74 1.60
N PRO C 51 36.50 -2.79 0.65
CA PRO C 51 35.41 -1.94 0.17
C PRO C 51 34.49 -2.73 -0.78
N ALA C 52 33.42 -2.09 -1.23
CA ALA C 52 32.56 -2.72 -2.21
C ALA C 52 33.36 -2.78 -3.55
N ASP C 53 33.06 -3.76 -4.42
CA ASP C 53 33.72 -3.86 -5.73
C ASP C 53 33.58 -2.55 -6.52
N ALA C 54 34.62 -2.09 -7.19
CA ALA C 54 34.61 -0.86 -7.99
C ALA C 54 33.45 -0.77 -8.98
N MET C 55 33.10 -1.89 -9.66
CA MET C 55 31.97 -1.91 -10.59
C MET C 55 30.66 -1.82 -9.85
N ALA C 56 30.62 -2.45 -8.65
CA ALA C 56 29.50 -2.44 -7.72
C ALA C 56 29.21 -0.98 -7.35
N ILE C 57 30.26 -0.21 -7.00
CA ILE C 57 30.24 1.22 -6.67
C ILE C 57 29.82 2.05 -7.86
N GLU C 58 30.46 1.82 -9.02
CA GLU C 58 30.23 2.54 -10.27
C GLU C 58 28.81 2.42 -10.79
N VAL C 59 28.27 1.19 -10.90
CA VAL C 59 26.92 0.92 -11.38
C VAL C 59 25.90 1.61 -10.50
N ALA C 60 26.08 1.50 -9.16
CA ALA C 60 25.18 2.14 -8.19
C ALA C 60 25.28 3.66 -8.31
N LYS C 61 26.51 4.20 -8.49
CA LYS C 61 26.72 5.65 -8.66
C LYS C 61 25.89 6.16 -9.83
N GLU C 62 25.89 5.41 -10.95
CA GLU C 62 25.15 5.71 -12.17
C GLU C 62 23.65 5.63 -12.01
N ASN C 63 23.20 5.07 -10.88
CA ASN C 63 21.79 4.98 -10.53
C ASN C 63 21.52 5.80 -9.27
N CYS C 64 22.44 6.75 -8.97
CA CYS C 64 22.38 7.70 -7.86
C CYS C 64 22.32 7.01 -6.47
N VAL C 65 23.06 5.91 -6.29
CA VAL C 65 23.17 5.18 -5.02
C VAL C 65 24.66 5.12 -4.60
N ASP C 66 24.97 5.52 -3.36
CA ASP C 66 26.35 5.56 -2.88
C ASP C 66 26.76 4.28 -2.16
N VAL C 67 27.74 3.55 -2.74
CA VAL C 67 28.31 2.30 -2.16
C VAL C 67 29.79 2.54 -1.78
N GLU C 68 30.08 3.82 -1.49
CA GLU C 68 31.38 4.28 -1.04
C GLU C 68 31.40 4.06 0.47
N ASN C 69 32.60 3.97 1.05
CA ASN C 69 32.84 3.81 2.49
C ASN C 69 32.17 2.56 3.09
N HIS C 70 32.14 1.48 2.30
CA HIS C 70 31.65 0.21 2.75
C HIS C 70 32.83 -0.61 3.28
N GLN C 71 32.60 -1.42 4.32
CA GLN C 71 33.58 -2.37 4.83
C GLN C 71 32.90 -3.72 4.96
N SER C 72 33.40 -4.72 4.20
CA SER C 72 32.86 -6.07 4.24
C SER C 72 32.99 -6.65 5.64
N GLN C 73 31.93 -7.32 6.11
CA GLN C 73 31.92 -7.94 7.42
C GLN C 73 31.34 -9.35 7.39
N GLN C 74 31.79 -10.19 8.33
CA GLN C 74 31.33 -11.56 8.46
C GLN C 74 29.99 -11.63 9.16
N LEU C 75 29.08 -12.46 8.63
CA LEU C 75 27.78 -12.74 9.24
C LEU C 75 28.01 -13.65 10.48
N THR C 76 27.59 -13.17 11.66
CA THR C 76 27.71 -13.87 12.93
C THR C 76 26.32 -13.96 13.56
N SER C 77 26.17 -14.76 14.64
CA SER C 77 24.89 -14.87 15.32
C SER C 77 24.56 -13.59 16.09
N ALA C 78 25.59 -12.96 16.70
CA ALA C 78 25.46 -11.73 17.47
C ALA C 78 25.00 -10.59 16.55
N LEU C 79 25.52 -10.53 15.33
CA LEU C 79 25.09 -9.51 14.37
C LEU C 79 23.60 -9.73 14.07
N CYS C 80 23.19 -10.99 13.82
CA CYS C 80 21.79 -11.30 13.52
C CYS C 80 20.81 -10.86 14.59
N SER C 81 21.19 -11.00 15.87
CA SER C 81 20.33 -10.61 16.99
C SER C 81 20.00 -9.10 16.99
N GLN C 82 20.86 -8.29 16.33
CA GLN C 82 20.69 -6.85 16.27
C GLN C 82 19.70 -6.40 15.21
N TYR C 83 19.24 -7.30 14.32
CA TYR C 83 18.37 -6.92 13.20
C TYR C 83 17.00 -7.56 13.26
N ASP C 84 15.98 -6.82 12.81
CA ASP C 84 14.57 -7.26 12.82
C ASP C 84 14.24 -8.11 11.61
N LEU C 85 14.91 -7.84 10.49
CA LEU C 85 14.68 -8.55 9.24
C LEU C 85 16.02 -8.85 8.56
N ILE C 86 16.17 -10.07 8.03
CA ILE C 86 17.36 -10.52 7.31
C ILE C 86 16.95 -10.92 5.91
N LEU C 87 17.61 -10.34 4.89
CA LEU C 87 17.29 -10.56 3.50
C LEU C 87 18.46 -11.12 2.76
N VAL C 88 18.34 -12.38 2.33
CA VAL C 88 19.38 -13.10 1.60
C VAL C 88 19.23 -12.90 0.10
N MET C 89 20.34 -12.92 -0.61
CA MET C 89 20.37 -12.67 -2.07
C MET C 89 19.94 -13.88 -2.88
N GLU C 90 20.22 -15.10 -2.36
CA GLU C 90 19.85 -16.38 -2.96
C GLU C 90 19.17 -17.29 -1.95
N LYS C 91 18.22 -18.13 -2.43
CA LYS C 91 17.50 -19.12 -1.63
C LYS C 91 18.50 -20.11 -0.98
N GLY C 92 19.58 -20.43 -1.71
CA GLY C 92 20.67 -21.29 -1.26
C GLY C 92 21.42 -20.77 -0.04
N HIS C 93 21.40 -19.43 0.15
CA HIS C 93 22.05 -18.75 1.29
C HIS C 93 21.39 -19.07 2.63
N MET C 94 20.12 -19.48 2.60
CA MET C 94 19.37 -19.80 3.80
C MET C 94 20.01 -20.94 4.60
N GLU C 95 20.42 -22.02 3.89
CA GLU C 95 21.09 -23.19 4.47
C GLU C 95 22.30 -22.72 5.27
N ALA C 96 23.16 -21.93 4.60
CA ALA C 96 24.38 -21.35 5.13
C ALA C 96 24.11 -20.43 6.31
N LEU C 97 22.98 -19.69 6.27
CA LEU C 97 22.62 -18.77 7.34
C LEU C 97 22.27 -19.52 8.61
N THR C 98 21.36 -20.51 8.51
CA THR C 98 20.89 -21.34 9.64
C THR C 98 22.10 -22.04 10.33
N GLN C 99 23.10 -22.41 9.52
CA GLN C 99 24.34 -23.04 9.93
C GLN C 99 25.20 -22.12 10.81
N ILE C 100 25.05 -20.77 10.68
CA ILE C 100 25.75 -19.76 11.49
C ILE C 100 24.83 -19.26 12.64
N ALA C 101 23.59 -18.80 12.33
CA ALA C 101 22.59 -18.34 13.31
C ALA C 101 21.25 -19.06 13.12
N PRO C 102 21.08 -20.23 13.79
CA PRO C 102 19.82 -20.98 13.66
C PRO C 102 18.61 -20.22 14.18
N GLU C 103 18.81 -19.35 15.20
CA GLU C 103 17.72 -18.56 15.78
C GLU C 103 17.15 -17.55 14.77
N ALA C 104 18.03 -17.04 13.91
CA ALA C 104 17.70 -16.00 12.93
C ALA C 104 16.86 -16.47 11.75
N ARG C 105 16.63 -17.79 11.61
CA ARG C 105 15.82 -18.24 10.49
C ARG C 105 14.42 -17.56 10.48
N GLY C 106 13.75 -17.53 11.63
CA GLY C 106 12.42 -16.91 11.78
C GLY C 106 12.21 -15.56 11.09
N LYS C 107 13.27 -14.74 11.06
CA LYS C 107 13.24 -13.40 10.49
C LYS C 107 14.01 -13.28 9.16
N THR C 108 14.42 -14.43 8.59
CA THR C 108 15.16 -14.51 7.35
C THR C 108 14.23 -14.73 6.18
N MET C 109 14.32 -13.83 5.17
CA MET C 109 13.54 -13.82 3.95
C MET C 109 14.40 -13.51 2.75
N LEU C 110 13.80 -13.66 1.55
CA LEU C 110 14.48 -13.37 0.28
C LEU C 110 14.51 -11.89 0.06
N PHE C 111 15.62 -11.42 -0.51
CA PHE C 111 15.73 -10.03 -0.91
C PHE C 111 14.72 -9.82 -2.06
N GLY C 112 14.68 -10.81 -2.95
CA GLY C 112 13.76 -10.81 -4.09
C GLY C 112 12.40 -11.42 -3.84
N GLN C 113 11.96 -11.46 -2.56
CA GLN C 113 10.67 -11.97 -2.05
C GLN C 113 9.44 -11.55 -2.84
N TRP C 114 9.34 -10.26 -3.18
CA TRP C 114 8.16 -9.68 -3.83
C TRP C 114 8.25 -9.54 -5.32
N ILE C 115 9.35 -9.98 -5.92
CA ILE C 115 9.56 -9.91 -7.37
C ILE C 115 9.52 -11.33 -7.95
N GLY C 116 8.68 -12.17 -7.35
CA GLY C 116 8.53 -13.55 -7.74
C GLY C 116 9.57 -14.47 -7.13
N GLN C 117 10.01 -14.14 -5.91
CA GLN C 117 10.98 -14.93 -5.16
C GLN C 117 12.27 -15.21 -5.98
N LYS C 118 12.78 -14.16 -6.65
CA LYS C 118 13.94 -14.24 -7.55
C LYS C 118 15.26 -14.22 -6.81
N ASP C 119 16.20 -15.07 -7.25
CA ASP C 119 17.56 -15.07 -6.73
C ASP C 119 18.28 -13.94 -7.50
N ILE C 120 19.23 -13.27 -6.84
CA ILE C 120 20.00 -12.23 -7.46
C ILE C 120 21.39 -12.79 -7.82
N PRO C 121 21.72 -12.88 -9.13
CA PRO C 121 22.97 -13.52 -9.56
C PRO C 121 24.23 -12.78 -9.19
N ASP C 122 25.29 -13.54 -8.90
CA ASP C 122 26.59 -13.01 -8.50
C ASP C 122 27.33 -12.41 -9.71
N PRO C 123 27.60 -11.08 -9.73
CA PRO C 123 28.30 -10.48 -10.89
C PRO C 123 29.81 -10.53 -10.77
N TYR C 124 30.34 -10.97 -9.61
CA TYR C 124 31.76 -10.95 -9.32
C TYR C 124 32.59 -11.63 -10.39
N ARG C 125 33.73 -10.98 -10.76
CA ARG C 125 34.70 -11.44 -11.75
C ARG C 125 34.22 -11.24 -13.19
N GLN C 126 33.04 -10.61 -13.36
CA GLN C 126 32.45 -10.39 -14.69
C GLN C 126 32.52 -8.94 -15.13
N SER C 127 32.13 -8.67 -16.39
CA SER C 127 32.14 -7.31 -16.92
C SER C 127 31.06 -6.45 -16.28
N LYS C 128 31.15 -5.14 -16.47
CA LYS C 128 30.20 -4.16 -15.93
C LYS C 128 28.72 -4.47 -16.26
N GLU C 129 28.42 -5.14 -17.43
CA GLU C 129 27.04 -5.48 -17.82
C GLU C 129 26.38 -6.47 -16.82
N ALA C 130 27.20 -7.37 -16.21
CA ALA C 130 26.73 -8.29 -15.16
C ALA C 130 26.33 -7.54 -13.89
N PHE C 131 27.09 -6.48 -13.55
CA PHE C 131 26.82 -5.64 -12.39
C PHE C 131 25.55 -4.81 -12.60
N VAL C 132 25.32 -4.40 -13.88
CA VAL C 132 24.15 -3.64 -14.32
C VAL C 132 22.93 -4.53 -14.11
N HIS C 133 22.94 -5.78 -14.62
CA HIS C 133 21.82 -6.72 -14.45
C HIS C 133 21.50 -6.97 -12.97
N ALA C 134 22.54 -7.22 -12.14
CA ALA C 134 22.37 -7.43 -10.70
C ALA C 134 21.73 -6.21 -10.04
N TYR C 135 22.23 -5.00 -10.39
CA TYR C 135 21.67 -3.77 -9.85
C TYR C 135 20.19 -3.61 -10.19
N GLN C 136 19.83 -3.89 -11.45
CA GLN C 136 18.43 -3.78 -11.88
C GLN C 136 17.51 -4.68 -11.01
N LEU C 137 17.91 -5.93 -10.79
CA LEU C 137 17.14 -6.87 -9.95
C LEU C 137 17.05 -6.38 -8.51
N ILE C 138 18.18 -5.98 -7.93
CA ILE C 138 18.26 -5.46 -6.58
C ILE C 138 17.34 -4.25 -6.45
N ASP C 139 17.41 -3.31 -7.40
CA ASP C 139 16.56 -2.12 -7.39
C ASP C 139 15.06 -2.50 -7.40
N GLU C 140 14.63 -3.33 -8.36
CA GLU C 140 13.24 -3.78 -8.46
C GLU C 140 12.83 -4.44 -7.15
N ALA C 141 13.69 -5.34 -6.63
CA ALA C 141 13.46 -6.06 -5.38
C ALA C 141 13.29 -5.12 -4.21
N ALA C 142 14.22 -4.15 -4.03
CA ALA C 142 14.23 -3.14 -2.96
C ALA C 142 13.02 -2.18 -3.01
N GLN C 143 12.59 -1.78 -4.21
CA GLN C 143 11.42 -0.95 -4.41
C GLN C 143 10.19 -1.68 -3.89
N ALA C 144 10.09 -3.02 -4.13
CA ALA C 144 9.00 -3.86 -3.65
C ALA C 144 8.96 -3.94 -2.14
N TRP C 145 10.12 -4.19 -1.50
CA TRP C 145 10.24 -4.23 -0.05
C TRP C 145 9.83 -2.92 0.55
N ALA C 146 10.29 -1.79 -0.03
CA ALA C 146 9.97 -0.43 0.46
C ALA C 146 8.47 -0.13 0.51
N LYS C 147 7.68 -0.68 -0.45
CA LYS C 147 6.22 -0.56 -0.55
C LYS C 147 5.55 -1.33 0.57
N LYS C 148 6.20 -2.40 1.09
CA LYS C 148 5.65 -3.24 2.15
C LYS C 148 6.06 -2.75 3.55
N LEU C 149 7.17 -2.04 3.62
CA LEU C 149 7.68 -1.59 4.92
C LEU C 149 7.37 -0.11 5.22
N GLY D 4 -8.33 0.76 -11.57
CA GLY D 4 -6.95 0.65 -12.05
C GLY D 4 -6.46 1.90 -12.73
N PHE D 5 -5.43 2.58 -12.15
CA PHE D 5 -4.89 3.82 -12.75
C PHE D 5 -3.63 3.47 -13.49
N ASN D 6 -3.71 3.47 -14.81
CA ASN D 6 -2.57 3.15 -15.67
C ASN D 6 -2.00 4.33 -16.39
N LYS D 7 -2.86 5.30 -16.75
CA LYS D 7 -2.45 6.50 -17.48
C LYS D 7 -2.57 7.71 -16.55
N ILE D 8 -1.43 8.37 -16.32
CA ILE D 8 -1.33 9.52 -15.40
C ILE D 8 -0.89 10.80 -16.11
N LEU D 9 -1.71 11.85 -15.96
CA LEU D 9 -1.40 13.18 -16.47
C LEU D 9 -0.99 14.17 -15.34
N VAL D 10 0.27 14.63 -15.36
CA VAL D 10 0.82 15.59 -14.40
C VAL D 10 0.64 16.98 -15.06
N VAL D 11 0.06 18.01 -14.34
CA VAL D 11 -0.14 19.33 -14.95
C VAL D 11 0.34 20.51 -14.03
N CYS D 12 0.89 21.53 -14.70
CA CYS D 12 1.30 22.80 -14.12
C CYS D 12 0.93 23.91 -15.09
N VAL D 13 1.53 25.11 -14.92
CA VAL D 13 1.18 26.29 -15.73
C VAL D 13 1.77 26.24 -17.15
N GLY D 14 3.08 26.16 -17.26
CA GLY D 14 3.75 26.19 -18.54
C GLY D 14 4.18 24.87 -19.15
N ASN D 15 4.17 23.77 -18.38
CA ASN D 15 4.63 22.45 -18.82
C ASN D 15 6.12 22.52 -19.23
N ILE D 16 6.92 23.36 -18.52
CA ILE D 16 8.34 23.48 -18.81
C ILE D 16 9.21 23.18 -17.57
N CYS D 17 8.69 23.37 -16.34
CA CYS D 17 9.49 23.07 -15.16
C CYS D 17 8.99 21.83 -14.35
N ARG D 18 7.92 22.03 -13.53
CA ARG D 18 7.37 21.06 -12.58
C ARG D 18 6.73 19.82 -13.21
N SER D 19 5.63 19.94 -14.04
CA SER D 19 4.93 18.79 -14.67
C SER D 19 5.85 17.92 -15.58
N PRO D 20 6.83 18.44 -16.37
CA PRO D 20 7.77 17.53 -17.06
C PRO D 20 8.58 16.65 -16.06
N THR D 21 8.98 17.25 -14.89
CA THR D 21 9.74 16.63 -13.83
C THR D 21 8.90 15.55 -13.20
N GLY D 22 7.69 15.92 -12.77
CA GLY D 22 6.76 14.99 -12.14
C GLY D 22 6.49 13.80 -13.02
N GLU D 23 6.36 14.05 -14.31
CA GLU D 23 6.08 13.05 -15.32
C GLU D 23 7.18 11.99 -15.32
N ARG D 24 8.41 12.43 -15.52
CA ARG D 24 9.58 11.58 -15.65
C ARG D 24 9.96 10.89 -14.36
N VAL D 25 9.74 11.58 -13.20
CA VAL D 25 10.02 11.00 -11.89
C VAL D 25 9.06 9.84 -11.67
N LEU D 26 7.73 10.13 -11.80
CA LEU D 26 6.63 9.17 -11.68
C LEU D 26 6.82 8.00 -12.65
N GLN D 27 7.24 8.29 -13.88
CA GLN D 27 7.51 7.28 -14.89
C GLN D 27 8.59 6.30 -14.46
N LYS D 28 9.70 6.80 -13.90
CA LYS D 28 10.78 5.94 -13.42
C LYS D 28 10.34 5.03 -12.27
N LEU D 29 9.44 5.53 -11.41
CA LEU D 29 8.90 4.80 -10.27
C LEU D 29 7.83 3.79 -10.64
N LEU D 30 7.04 4.11 -11.68
CA LEU D 30 5.95 3.26 -12.15
C LEU D 30 6.21 2.90 -13.62
N PRO D 31 7.23 2.04 -13.89
CA PRO D 31 7.59 1.73 -15.29
C PRO D 31 6.54 0.95 -16.09
N ASN D 32 5.56 0.37 -15.41
CA ASN D 32 4.48 -0.40 -16.03
C ASN D 32 3.23 0.49 -16.28
N LYS D 33 3.39 1.82 -16.16
CA LYS D 33 2.32 2.79 -16.34
C LYS D 33 2.72 3.80 -17.41
N THR D 34 1.74 4.58 -17.93
CA THR D 34 2.01 5.64 -18.89
C THR D 34 1.84 6.96 -18.14
N VAL D 35 2.91 7.73 -18.07
CA VAL D 35 2.92 9.04 -17.44
C VAL D 35 3.31 10.13 -18.47
N ALA D 36 2.42 11.12 -18.66
CA ALA D 36 2.58 12.29 -19.53
C ALA D 36 2.33 13.56 -18.72
N SER D 37 2.46 14.74 -19.36
CA SER D 37 2.27 16.02 -18.73
C SER D 37 1.75 17.09 -19.70
N ALA D 38 1.07 18.11 -19.15
CA ALA D 38 0.55 19.23 -19.93
C ALA D 38 0.47 20.51 -19.10
N GLY D 39 0.42 21.65 -19.79
CA GLY D 39 0.37 22.97 -19.17
C GLY D 39 -0.94 23.69 -19.40
N ILE D 40 -1.47 24.24 -18.32
CA ILE D 40 -2.71 25.01 -18.29
C ILE D 40 -2.64 26.23 -19.21
N ALA D 41 -1.47 26.91 -19.24
CA ALA D 41 -1.27 28.13 -20.04
C ALA D 41 -0.11 28.05 -21.04
N ALA D 42 0.19 26.85 -21.58
CA ALA D 42 1.26 26.57 -22.54
C ALA D 42 1.08 27.33 -23.84
N GLU D 43 -0.19 27.53 -24.22
CA GLU D 43 -0.58 28.25 -25.42
C GLU D 43 -0.47 29.78 -25.23
N LYS D 44 -1.15 30.36 -24.20
CA LYS D 44 -1.12 31.81 -23.94
C LYS D 44 0.25 32.31 -23.39
N SER D 45 1.21 31.38 -23.10
CA SER D 45 2.58 31.70 -22.70
C SER D 45 3.54 31.48 -23.87
N ARG D 46 3.01 31.00 -25.04
CA ARG D 46 3.74 30.69 -26.27
C ARG D 46 4.85 29.65 -26.01
N LEU D 47 4.59 28.68 -25.13
CA LEU D 47 5.56 27.66 -24.75
C LEU D 47 5.41 26.30 -25.43
N ILE D 48 4.35 26.11 -26.23
CA ILE D 48 4.08 24.87 -26.97
C ILE D 48 5.31 24.41 -27.79
N GLY D 49 5.75 23.18 -27.55
CA GLY D 49 6.89 22.59 -28.21
C GLY D 49 8.24 22.82 -27.54
N LYS D 50 8.28 23.76 -26.58
CA LYS D 50 9.49 24.12 -25.84
C LYS D 50 9.99 22.95 -24.99
N PRO D 51 11.33 22.82 -24.84
CA PRO D 51 11.85 21.73 -24.00
C PRO D 51 11.64 22.06 -22.52
N ALA D 52 11.96 21.12 -21.63
CA ALA D 52 11.88 21.42 -20.21
C ALA D 52 13.01 22.41 -19.94
N ASP D 53 12.86 23.21 -18.89
CA ASP D 53 13.88 24.17 -18.50
C ASP D 53 15.23 23.45 -18.25
N ALA D 54 16.33 24.02 -18.72
CA ALA D 54 17.69 23.50 -18.60
C ALA D 54 18.04 23.04 -17.18
N MET D 55 17.60 23.84 -16.17
CA MET D 55 17.86 23.51 -14.78
C MET D 55 16.98 22.38 -14.32
N ALA D 56 15.73 22.28 -14.80
CA ALA D 56 14.83 21.17 -14.53
C ALA D 56 15.50 19.89 -15.07
N ILE D 57 16.04 19.92 -16.31
CA ILE D 57 16.73 18.79 -16.94
C ILE D 57 17.96 18.42 -16.11
N GLU D 58 18.79 19.41 -15.78
CA GLU D 58 20.04 19.24 -15.03
C GLU D 58 19.85 18.64 -13.65
N VAL D 59 18.95 19.24 -12.85
CA VAL D 59 18.62 18.78 -11.50
C VAL D 59 18.15 17.32 -11.52
N ALA D 60 17.23 16.99 -12.45
CA ALA D 60 16.71 15.63 -12.60
C ALA D 60 17.80 14.69 -13.01
N LYS D 61 18.70 15.12 -13.94
CA LYS D 61 19.83 14.30 -14.42
C LYS D 61 20.68 13.86 -13.24
N GLU D 62 20.96 14.79 -12.31
CA GLU D 62 21.74 14.61 -11.10
C GLU D 62 21.08 13.70 -10.11
N ASN D 63 19.79 13.40 -10.32
CA ASN D 63 18.99 12.46 -9.50
C ASN D 63 18.56 11.27 -10.33
N CYS D 64 19.29 11.04 -11.44
CA CYS D 64 19.14 9.91 -12.36
C CYS D 64 17.74 9.83 -13.03
N VAL D 65 17.13 11.00 -13.31
CA VAL D 65 15.84 11.09 -14.01
C VAL D 65 16.03 11.86 -15.32
N ASP D 66 15.56 11.29 -16.44
CA ASP D 66 15.73 11.90 -17.75
C ASP D 66 14.55 12.79 -18.14
N VAL D 67 14.78 14.13 -18.26
CA VAL D 67 13.72 15.06 -18.68
C VAL D 67 14.13 15.67 -20.03
N GLU D 68 14.95 14.92 -20.77
CA GLU D 68 15.40 15.27 -22.11
C GLU D 68 14.24 14.86 -23.02
N ASN D 69 14.22 15.36 -24.24
CA ASN D 69 13.22 15.03 -25.24
C ASN D 69 11.75 15.28 -24.71
N HIS D 70 11.57 16.42 -23.99
CA HIS D 70 10.26 16.89 -23.56
C HIS D 70 9.79 18.01 -24.52
N GLN D 71 8.48 18.03 -24.81
CA GLN D 71 7.86 19.12 -25.59
C GLN D 71 6.66 19.58 -24.86
N SER D 72 6.64 20.86 -24.52
CA SER D 72 5.52 21.42 -23.80
C SER D 72 4.25 21.31 -24.61
N GLN D 73 3.17 20.97 -23.93
CA GLN D 73 1.88 20.87 -24.60
C GLN D 73 0.77 21.50 -23.78
N GLN D 74 -0.22 22.04 -24.48
CA GLN D 74 -1.39 22.66 -23.87
C GLN D 74 -2.36 21.58 -23.34
N LEU D 75 -2.89 21.83 -22.12
CA LEU D 75 -3.90 20.99 -21.49
C LEU D 75 -5.24 21.22 -22.23
N THR D 76 -5.86 20.11 -22.69
CA THR D 76 -7.16 20.15 -23.37
C THR D 76 -8.11 19.13 -22.74
N SER D 77 -9.42 19.27 -22.97
CA SER D 77 -10.42 18.32 -22.50
C SER D 77 -10.17 16.94 -23.09
N ALA D 78 -9.82 16.89 -24.39
CA ALA D 78 -9.53 15.63 -25.08
C ALA D 78 -8.32 14.94 -24.50
N LEU D 79 -7.31 15.71 -24.11
CA LEU D 79 -6.13 15.15 -23.51
C LEU D 79 -6.52 14.49 -22.19
N CYS D 80 -7.35 15.18 -21.38
CA CYS D 80 -7.82 14.69 -20.09
C CYS D 80 -8.57 13.37 -20.16
N SER D 81 -9.39 13.19 -21.18
CA SER D 81 -10.16 11.97 -21.37
C SER D 81 -9.29 10.72 -21.53
N GLN D 82 -8.05 10.91 -21.98
CA GLN D 82 -7.09 9.83 -22.21
C GLN D 82 -6.41 9.33 -20.94
N TYR D 83 -6.55 10.04 -19.82
CA TYR D 83 -5.84 9.68 -18.60
C TYR D 83 -6.77 9.27 -17.47
N ASP D 84 -6.33 8.31 -16.66
CA ASP D 84 -7.09 7.78 -15.53
C ASP D 84 -6.95 8.67 -14.27
N LEU D 85 -5.82 9.33 -14.13
CA LEU D 85 -5.53 10.19 -12.99
C LEU D 85 -4.80 11.45 -13.45
N ILE D 86 -5.21 12.62 -12.92
CA ILE D 86 -4.63 13.93 -13.23
C ILE D 86 -4.11 14.53 -11.94
N LEU D 87 -2.83 14.93 -11.94
CA LEU D 87 -2.16 15.49 -10.76
C LEU D 87 -1.64 16.89 -11.00
N VAL D 88 -2.24 17.88 -10.29
CA VAL D 88 -1.91 19.32 -10.35
C VAL D 88 -0.82 19.67 -9.35
N MET D 89 0.10 20.57 -9.76
CA MET D 89 1.24 20.98 -8.95
C MET D 89 0.85 21.87 -7.81
N GLU D 90 -0.21 22.67 -8.00
CA GLU D 90 -0.78 23.59 -7.01
C GLU D 90 -2.29 23.44 -6.90
N LYS D 91 -2.83 23.62 -5.68
CA LYS D 91 -4.26 23.57 -5.39
C LYS D 91 -5.02 24.61 -6.25
N GLY D 92 -4.38 25.77 -6.49
CA GLY D 92 -4.90 26.84 -7.34
C GLY D 92 -5.14 26.46 -8.79
N HIS D 93 -4.38 25.45 -9.27
CA HIS D 93 -4.47 24.94 -10.64
C HIS D 93 -5.80 24.23 -10.93
N MET D 94 -6.48 23.75 -9.90
CA MET D 94 -7.75 23.06 -10.04
C MET D 94 -8.83 23.93 -10.70
N GLU D 95 -8.95 25.20 -10.26
CA GLU D 95 -9.89 26.18 -10.78
C GLU D 95 -9.70 26.30 -12.29
N ALA D 96 -8.44 26.54 -12.70
CA ALA D 96 -7.99 26.67 -14.08
C ALA D 96 -8.27 25.40 -14.90
N LEU D 97 -8.11 24.21 -14.26
CA LEU D 97 -8.34 22.93 -14.92
C LEU D 97 -9.83 22.76 -15.28
N THR D 98 -10.73 22.97 -14.29
CA THR D 98 -12.18 22.83 -14.43
C THR D 98 -12.69 23.71 -15.56
N GLN D 99 -12.09 24.89 -15.74
CA GLN D 99 -12.48 25.80 -16.82
C GLN D 99 -12.27 25.15 -18.19
N ILE D 100 -11.16 24.41 -18.34
CA ILE D 100 -10.82 23.70 -19.57
C ILE D 100 -11.58 22.38 -19.70
N ALA D 101 -11.50 21.53 -18.66
CA ALA D 101 -12.11 20.21 -18.65
C ALA D 101 -12.95 20.01 -17.39
N PRO D 102 -14.22 20.50 -17.39
CA PRO D 102 -15.06 20.33 -16.19
C PRO D 102 -15.30 18.88 -15.80
N GLU D 103 -15.37 17.98 -16.80
CA GLU D 103 -15.60 16.54 -16.62
C GLU D 103 -14.39 15.80 -15.97
N ALA D 104 -13.19 16.41 -16.01
CA ALA D 104 -11.97 15.84 -15.47
C ALA D 104 -11.71 16.15 -14.01
N ARG D 105 -12.49 17.05 -13.39
CA ARG D 105 -12.33 17.48 -11.99
C ARG D 105 -12.41 16.30 -10.99
N GLY D 106 -13.25 15.29 -11.29
CA GLY D 106 -13.43 14.09 -10.49
C GLY D 106 -12.22 13.19 -10.35
N LYS D 107 -11.32 13.16 -11.38
CA LYS D 107 -10.07 12.37 -11.39
C LYS D 107 -8.82 13.22 -11.17
N THR D 108 -9.03 14.52 -10.83
CA THR D 108 -7.99 15.51 -10.60
C THR D 108 -7.69 15.61 -9.12
N MET D 109 -6.41 15.39 -8.78
CA MET D 109 -5.87 15.42 -7.44
C MET D 109 -4.58 16.19 -7.40
N LEU D 110 -4.10 16.45 -6.19
CA LEU D 110 -2.86 17.19 -5.95
C LEU D 110 -1.68 16.24 -6.11
N PHE D 111 -0.62 16.69 -6.81
CA PHE D 111 0.61 15.93 -6.97
C PHE D 111 1.17 15.65 -5.58
N GLY D 112 1.15 16.67 -4.71
CA GLY D 112 1.62 16.56 -3.34
C GLY D 112 0.60 16.09 -2.31
N GLN D 113 -0.45 15.38 -2.73
CA GLN D 113 -1.52 14.91 -1.84
C GLN D 113 -1.08 14.19 -0.60
N TRP D 114 -0.18 13.21 -0.77
CA TRP D 114 0.25 12.32 0.30
C TRP D 114 1.37 12.85 1.14
N ILE D 115 1.93 14.01 0.79
CA ILE D 115 3.03 14.65 1.55
C ILE D 115 2.50 15.88 2.31
N GLY D 116 1.29 15.74 2.83
CA GLY D 116 0.63 16.82 3.56
C GLY D 116 -0.04 17.84 2.67
N GLN D 117 -0.53 17.39 1.50
CA GLN D 117 -1.23 18.22 0.53
C GLN D 117 -0.42 19.49 0.19
N LYS D 118 0.89 19.31 -0.07
CA LYS D 118 1.80 20.41 -0.35
C LYS D 118 1.72 20.87 -1.79
N ASP D 119 1.78 22.18 -1.99
CA ASP D 119 1.87 22.76 -3.33
C ASP D 119 3.37 22.68 -3.69
N ILE D 120 3.67 22.50 -4.96
CA ILE D 120 5.05 22.45 -5.39
C ILE D 120 5.41 23.82 -5.99
N PRO D 121 6.39 24.52 -5.36
CA PRO D 121 6.69 25.91 -5.76
C PRO D 121 7.31 26.04 -7.12
N ASP D 122 6.95 27.10 -7.83
CA ASP D 122 7.44 27.39 -9.18
C ASP D 122 8.89 27.87 -9.11
N PRO D 123 9.86 27.11 -9.70
CA PRO D 123 11.26 27.54 -9.64
C PRO D 123 11.67 28.48 -10.78
N TYR D 124 10.75 28.72 -11.74
CA TYR D 124 11.04 29.46 -12.94
C TYR D 124 11.62 30.83 -12.68
N ARG D 125 12.68 31.17 -13.45
CA ARG D 125 13.44 32.43 -13.39
C ARG D 125 14.35 32.55 -12.16
N GLN D 126 14.51 31.45 -11.42
CA GLN D 126 15.34 31.44 -10.24
C GLN D 126 16.60 30.58 -10.46
N SER D 127 17.53 30.60 -9.49
CA SER D 127 18.78 29.85 -9.55
C SER D 127 18.51 28.38 -9.38
N LYS D 128 19.52 27.57 -9.72
CA LYS D 128 19.48 26.12 -9.63
C LYS D 128 19.01 25.56 -8.25
N GLU D 129 19.23 26.28 -7.12
CA GLU D 129 18.77 25.71 -5.85
C GLU D 129 17.23 25.65 -5.76
N ALA D 130 16.53 26.63 -6.38
CA ALA D 130 15.06 26.61 -6.43
C ALA D 130 14.56 25.36 -7.19
N PHE D 131 15.30 24.96 -8.24
CA PHE D 131 14.99 23.76 -9.00
C PHE D 131 15.27 22.49 -8.19
N VAL D 132 16.32 22.56 -7.32
CA VAL D 132 16.70 21.50 -6.40
C VAL D 132 15.56 21.31 -5.38
N HIS D 133 15.07 22.41 -4.74
CA HIS D 133 13.91 22.30 -3.83
C HIS D 133 12.74 21.63 -4.51
N ALA D 134 12.32 22.18 -5.68
CA ALA D 134 11.19 21.67 -6.44
C ALA D 134 11.34 20.18 -6.73
N TYR D 135 12.53 19.75 -7.18
CA TYR D 135 12.77 18.35 -7.47
C TYR D 135 12.62 17.49 -6.21
N GLN D 136 13.19 17.94 -5.06
CA GLN D 136 13.09 17.19 -3.81
C GLN D 136 11.61 16.93 -3.46
N LEU D 137 10.77 17.99 -3.50
CA LEU D 137 9.35 17.88 -3.24
C LEU D 137 8.64 16.95 -4.22
N ILE D 138 8.89 17.14 -5.52
CA ILE D 138 8.29 16.30 -6.56
C ILE D 138 8.67 14.83 -6.30
N ASP D 139 9.95 14.55 -6.01
CA ASP D 139 10.42 13.20 -5.73
C ASP D 139 9.68 12.58 -4.53
N GLU D 140 9.66 13.27 -3.39
CA GLU D 140 8.95 12.82 -2.19
C GLU D 140 7.47 12.56 -2.53
N ALA D 141 6.80 13.53 -3.19
CA ALA D 141 5.37 13.41 -3.56
C ALA D 141 5.10 12.21 -4.50
N ALA D 142 5.97 12.01 -5.52
CA ALA D 142 5.90 10.90 -6.50
C ALA D 142 6.14 9.52 -5.85
N GLN D 143 7.10 9.43 -4.90
CA GLN D 143 7.39 8.21 -4.16
C GLN D 143 6.15 7.77 -3.40
N ALA D 144 5.41 8.73 -2.75
CA ALA D 144 4.16 8.51 -2.01
C ALA D 144 3.06 8.00 -2.92
N TRP D 145 2.85 8.66 -4.09
CA TRP D 145 1.87 8.21 -5.07
C TRP D 145 2.18 6.79 -5.55
N ALA D 146 3.46 6.48 -5.87
CA ALA D 146 3.88 5.16 -6.32
C ALA D 146 3.52 4.02 -5.32
N LYS D 147 3.58 4.30 -4.01
CA LYS D 147 3.25 3.38 -2.94
C LYS D 147 1.75 3.12 -2.88
N LYS D 148 0.93 4.07 -3.35
CA LYS D 148 -0.54 3.96 -3.36
C LYS D 148 -1.06 3.37 -4.68
N LEU D 149 -0.26 3.41 -5.75
CA LEU D 149 -0.68 2.90 -7.05
C LEU D 149 -0.06 1.52 -7.40
#